data_2Z5D
#
_entry.id   2Z5D
#
_cell.length_a   42.959
_cell.length_b   85.861
_cell.length_c   102.558
_cell.angle_alpha   90.00
_cell.angle_beta   90.00
_cell.angle_gamma   90.00
#
_symmetry.space_group_name_H-M   'P 21 21 21'
#
loop_
_entity.id
_entity.type
_entity.pdbx_description
1 polymer 'Ubiquitin-conjugating enzyme E2 H'
2 non-polymer 'SODIUM ION'
3 water water
#
_entity_poly.entity_id   1
_entity_poly.type   'polypeptide(L)'
_entity_poly.pdbx_seq_one_letter_code
;MGSSHHHHHHSSGLVPRGSMSSPSPGKRRMDTDVIKLIESKHEVTILGGLNEFVVKFYGPQGTPYEGGVWKVRVDLPDKY
PFKSPSIGFMNKIFHPNIDEASGTVCLDVINQTWTALYDLTNIFESFLPQLLAYPNPIDPLNGDAAAMYLHRPEEYKQKI
KEYIQKYATEEALKEQEEG
;
_entity_poly.pdbx_strand_id   A,B
#
loop_
_chem_comp.id
_chem_comp.type
_chem_comp.name
_chem_comp.formula
NA non-polymer 'SODIUM ION' 'Na 1'
#
# COMPACT_ATOMS: atom_id res chain seq x y z
N PRO A 23 -27.89 27.60 0.33
CA PRO A 23 -26.63 26.84 0.50
C PRO A 23 -26.20 26.11 -0.77
N SER A 24 -24.90 26.16 -1.06
CA SER A 24 -24.32 25.49 -2.23
C SER A 24 -24.55 23.97 -2.25
N PRO A 25 -24.47 23.35 -3.45
CA PRO A 25 -24.44 21.90 -3.56
C PRO A 25 -23.35 21.26 -2.67
N GLY A 26 -22.18 21.89 -2.60
CA GLY A 26 -21.09 21.41 -1.75
C GLY A 26 -21.44 21.41 -0.27
N LYS A 27 -22.12 22.47 0.16
CA LYS A 27 -22.53 22.67 1.54
C LYS A 27 -23.64 21.71 1.89
N ARG A 28 -24.61 21.55 0.97
CA ARG A 28 -25.67 20.57 1.20
C ARG A 28 -25.07 19.19 1.36
N ARG A 29 -24.08 18.87 0.53
CA ARG A 29 -23.38 17.57 0.64
C ARG A 29 -22.64 17.40 1.96
N MET A 30 -21.91 18.43 2.40
CA MET A 30 -21.29 18.43 3.75
C MET A 30 -22.29 18.01 4.84
N ASP A 31 -23.40 18.71 4.93
CA ASP A 31 -24.34 18.45 6.00
C ASP A 31 -24.93 17.07 5.94
N THR A 32 -25.34 16.65 4.73
CA THR A 32 -25.91 15.34 4.45
C THR A 32 -24.88 14.24 4.75
N ASP A 33 -23.66 14.42 4.25
CA ASP A 33 -22.57 13.47 4.49
C ASP A 33 -22.29 13.30 5.99
N VAL A 34 -22.13 14.40 6.71
CA VAL A 34 -21.76 14.36 8.12
C VAL A 34 -22.85 13.75 9.01
N ILE A 35 -24.11 14.10 8.73
CA ILE A 35 -25.24 13.50 9.43
C ILE A 35 -25.28 12.00 9.17
N LYS A 36 -25.05 11.63 7.91
CA LYS A 36 -24.99 10.23 7.55
C LYS A 36 -23.91 9.54 8.37
N LEU A 37 -22.75 10.19 8.50
CA LEU A 37 -21.66 9.61 9.27
C LEU A 37 -22.06 9.50 10.77
N ILE A 38 -22.65 10.56 11.32
CA ILE A 38 -23.11 10.57 12.71
C ILE A 38 -24.09 9.39 12.99
N GLU A 39 -25.01 9.15 12.05
CA GLU A 39 -25.99 8.09 12.20
C GLU A 39 -25.42 6.67 12.00
N SER A 40 -24.27 6.56 11.34
CA SER A 40 -23.57 5.29 11.16
C SER A 40 -23.11 4.73 12.51
N LYS A 41 -22.55 3.51 12.46
CA LYS A 41 -22.05 2.86 13.66
C LYS A 41 -20.83 3.58 14.25
N HIS A 42 -20.29 4.54 13.52
CA HIS A 42 -19.07 5.20 13.96
C HIS A 42 -19.43 6.27 14.96
N GLU A 43 -18.64 6.38 16.02
CA GLU A 43 -18.95 7.30 17.14
C GLU A 43 -18.32 8.65 16.88
N VAL A 44 -19.15 9.67 16.68
CA VAL A 44 -18.70 10.98 16.23
C VAL A 44 -18.84 12.11 17.27
N THR A 45 -17.78 12.89 17.46
CA THR A 45 -17.79 14.12 18.25
C THR A 45 -17.55 15.35 17.34
N ILE A 46 -18.47 16.31 17.42
CA ILE A 46 -18.49 17.47 16.52
C ILE A 46 -17.71 18.53 17.23
N LEU A 47 -16.81 19.21 16.52
CA LEU A 47 -15.99 20.28 17.14
C LEU A 47 -16.58 21.68 16.93
N GLY A 48 -15.96 22.51 16.11
CA GLY A 48 -16.51 23.84 15.77
C GLY A 48 -17.84 23.85 15.01
N GLY A 49 -18.12 22.79 14.27
CA GLY A 49 -19.31 22.71 13.42
C GLY A 49 -19.15 21.44 12.62
N LEU A 50 -20.00 21.24 11.63
CA LEU A 50 -19.96 19.98 10.87
C LEU A 50 -18.73 19.80 9.96
N ASN A 51 -17.96 20.86 9.75
CA ASN A 51 -16.69 20.73 9.03
C ASN A 51 -15.50 20.24 9.87
N GLU A 52 -15.70 19.90 11.15
CA GLU A 52 -14.62 19.40 12.01
C GLU A 52 -15.22 18.44 12.98
N PHE A 53 -14.84 17.18 12.90
CA PHE A 53 -15.36 16.20 13.86
C PHE A 53 -14.26 15.20 14.16
N VAL A 54 -14.48 14.39 15.18
CA VAL A 54 -13.52 13.39 15.59
C VAL A 54 -14.30 12.11 15.73
N VAL A 55 -13.69 11.01 15.29
CA VAL A 55 -14.30 9.72 15.31
C VAL A 55 -13.39 8.76 16.08
N LYS A 56 -13.99 7.97 16.97
CA LYS A 56 -13.30 6.88 17.62
C LYS A 56 -13.09 5.76 16.61
N PHE A 57 -11.84 5.35 16.46
CA PHE A 57 -11.46 4.38 15.44
C PHE A 57 -10.66 3.28 16.11
N TYR A 58 -11.00 2.04 15.78
CA TYR A 58 -10.40 0.85 16.36
C TYR A 58 -9.47 0.18 15.36
N GLY A 59 -8.26 -0.20 15.81
CA GLY A 59 -7.28 -0.83 14.93
C GLY A 59 -7.85 -2.08 14.28
N PRO A 60 -7.63 -2.28 12.96
CA PRO A 60 -8.22 -3.44 12.29
C PRO A 60 -7.65 -4.79 12.75
N GLN A 61 -8.54 -5.77 12.86
CA GLN A 61 -8.19 -7.10 13.36
C GLN A 61 -7.20 -7.74 12.41
N GLY A 62 -6.25 -8.48 12.96
CA GLY A 62 -5.28 -9.21 12.15
C GLY A 62 -4.18 -8.32 11.62
N THR A 63 -4.02 -7.13 12.20
CA THR A 63 -2.93 -6.23 11.87
C THR A 63 -2.22 -5.94 13.18
N PRO A 64 -0.99 -5.39 13.12
CA PRO A 64 -0.33 -4.95 14.36
C PRO A 64 -1.10 -3.86 15.15
N TYR A 65 -1.98 -3.11 14.47
CA TYR A 65 -2.87 -2.12 15.11
C TYR A 65 -4.06 -2.67 15.92
N GLU A 66 -4.32 -3.97 15.79
CA GLU A 66 -5.43 -4.57 16.50
C GLU A 66 -5.26 -4.30 17.98
N GLY A 67 -6.35 -3.93 18.65
CA GLY A 67 -6.27 -3.56 20.05
C GLY A 67 -6.16 -2.07 20.25
N GLY A 68 -5.67 -1.32 19.25
CA GLY A 68 -5.50 0.12 19.43
C GLY A 68 -6.82 0.89 19.32
N VAL A 69 -6.87 2.05 19.98
CA VAL A 69 -8.02 2.95 19.86
C VAL A 69 -7.48 4.35 19.63
N TRP A 70 -8.06 5.04 18.65
CA TRP A 70 -7.57 6.35 18.26
C TRP A 70 -8.72 7.29 18.13
N LYS A 71 -8.39 8.57 18.31
CA LYS A 71 -9.28 9.65 18.01
C LYS A 71 -8.78 10.27 16.72
N VAL A 72 -9.60 10.15 15.71
CA VAL A 72 -9.24 10.56 14.37
C VAL A 72 -10.05 11.83 14.08
N ARG A 73 -9.34 12.90 13.87
CA ARG A 73 -9.96 14.16 13.51
C ARG A 73 -10.03 14.32 12.00
N VAL A 74 -11.21 14.72 11.53
CA VAL A 74 -11.47 15.00 10.13
C VAL A 74 -11.89 16.46 10.00
N ASP A 75 -11.22 17.20 9.10
CA ASP A 75 -11.59 18.54 8.74
C ASP A 75 -12.01 18.53 7.29
N LEU A 76 -13.14 19.17 6.99
CA LEU A 76 -13.60 19.30 5.60
C LEU A 76 -13.26 20.69 5.07
N PRO A 77 -12.58 20.73 3.92
CA PRO A 77 -12.23 22.01 3.33
C PRO A 77 -13.52 22.70 2.84
N ASP A 78 -13.49 24.04 2.74
CA ASP A 78 -14.60 24.79 2.11
C ASP A 78 -15.01 24.25 0.72
N LYS A 79 -14.06 23.69 -0.03
CA LYS A 79 -14.36 23.12 -1.37
C LYS A 79 -14.79 21.64 -1.37
N TYR A 80 -15.08 21.09 -0.20
CA TYR A 80 -15.64 19.75 -0.09
C TYR A 80 -16.93 19.69 -0.94
N PRO A 81 -17.20 18.53 -1.59
CA PRO A 81 -16.41 17.28 -1.71
C PRO A 81 -15.48 17.16 -2.89
N PHE A 82 -15.31 18.25 -3.64
CA PHE A 82 -14.36 18.32 -4.72
C PHE A 82 -12.93 18.18 -4.17
N LYS A 83 -12.66 18.83 -3.03
CA LYS A 83 -11.40 18.65 -2.31
C LYS A 83 -11.65 17.64 -1.19
N SER A 84 -10.69 16.75 -1.01
CA SER A 84 -10.79 15.70 -0.02
C SER A 84 -10.71 16.24 1.43
N PRO A 85 -11.30 15.51 2.39
CA PRO A 85 -11.05 15.86 3.78
C PRO A 85 -9.56 15.65 4.11
N SER A 86 -9.10 16.34 5.13
CA SER A 86 -7.87 16.00 5.77
C SER A 86 -8.16 15.17 7.02
N ILE A 87 -7.24 14.27 7.35
CA ILE A 87 -7.43 13.25 8.36
C ILE A 87 -6.17 13.23 9.24
N GLY A 88 -6.36 13.31 10.56
CA GLY A 88 -5.29 13.31 11.52
C GLY A 88 -5.62 12.41 12.71
N PHE A 89 -4.62 11.68 13.18
CA PHE A 89 -4.75 10.90 14.40
C PHE A 89 -4.34 11.80 15.53
N MET A 90 -5.24 11.97 16.48
CA MET A 90 -5.04 12.97 17.54
C MET A 90 -4.15 12.40 18.64
N ASN A 91 -4.21 11.09 18.82
CA ASN A 91 -3.24 10.35 19.61
C ASN A 91 -2.26 9.55 18.71
N LYS A 92 -1.05 9.36 19.22
CA LYS A 92 0.09 8.98 18.38
C LYS A 92 -0.09 7.65 17.69
N ILE A 93 0.35 7.58 16.45
CA ILE A 93 0.35 6.34 15.71
C ILE A 93 1.65 6.21 14.94
N PHE A 94 2.12 4.96 14.77
CA PHE A 94 3.35 4.66 14.06
C PHE A 94 2.96 3.97 12.77
N HIS A 95 3.17 4.64 11.65
CA HIS A 95 2.73 4.10 10.35
C HIS A 95 3.51 4.80 9.28
N PRO A 96 3.92 4.08 8.23
CA PRO A 96 4.71 4.73 7.17
C PRO A 96 4.06 5.96 6.49
N ASN A 97 2.73 6.02 6.37
CA ASN A 97 2.06 7.10 5.61
C ASN A 97 1.33 8.11 6.50
N ILE A 98 1.72 8.14 7.77
CA ILE A 98 1.14 9.08 8.73
C ILE A 98 2.32 9.76 9.40
N ASP A 99 2.37 11.08 9.25
CA ASP A 99 3.36 11.90 9.95
C ASP A 99 3.22 11.71 11.45
N GLU A 100 4.24 11.14 12.08
CA GLU A 100 4.16 10.78 13.50
C GLU A 100 3.86 11.94 14.44
N ALA A 101 4.61 13.04 14.28
CA ALA A 101 4.53 14.17 15.23
C ALA A 101 3.19 14.87 15.18
N SER A 102 2.59 14.98 13.98
CA SER A 102 1.31 15.68 13.82
C SER A 102 0.13 14.72 13.80
N GLY A 103 0.36 13.47 13.38
CA GLY A 103 -0.75 12.48 13.19
C GLY A 103 -1.46 12.59 11.85
N THR A 104 -0.95 13.48 11.01
CA THR A 104 -1.62 13.76 9.73
C THR A 104 -1.39 12.65 8.69
N VAL A 105 -2.48 12.15 8.13
CA VAL A 105 -2.47 11.18 7.06
C VAL A 105 -2.08 11.85 5.75
N CYS A 106 -1.12 11.21 5.05
CA CYS A 106 -0.64 11.65 3.74
C CYS A 106 -1.79 12.00 2.78
N LEU A 107 -1.84 13.26 2.36
CA LEU A 107 -2.90 13.80 1.53
C LEU A 107 -2.88 13.16 0.14
N ASP A 108 -1.69 12.90 -0.41
CA ASP A 108 -1.59 12.13 -1.66
C ASP A 108 -2.28 10.75 -1.55
N VAL A 109 -2.12 10.07 -0.43
CA VAL A 109 -2.77 8.76 -0.24
C VAL A 109 -4.28 8.94 -0.14
N ILE A 110 -4.72 9.93 0.63
CA ILE A 110 -6.17 10.17 0.72
C ILE A 110 -6.74 10.46 -0.68
N ASN A 111 -6.03 11.29 -1.43
CA ASN A 111 -6.46 11.68 -2.79
C ASN A 111 -6.50 10.56 -3.82
N GLN A 112 -5.74 9.49 -3.61
CA GLN A 112 -5.80 8.32 -4.48
C GLN A 112 -7.12 7.58 -4.37
N THR A 113 -7.82 7.78 -3.24
CA THR A 113 -9.08 7.10 -2.94
C THR A 113 -10.27 8.06 -3.07
N TRP A 114 -10.06 9.32 -2.69
CA TRP A 114 -11.17 10.26 -2.59
C TRP A 114 -11.72 10.60 -3.97
N THR A 115 -13.04 10.69 -4.06
CA THR A 115 -13.74 11.33 -5.17
C THR A 115 -14.88 12.20 -4.61
N ALA A 116 -15.48 12.99 -5.50
CA ALA A 116 -16.60 13.89 -5.18
C ALA A 116 -17.85 13.17 -4.73
N LEU A 117 -17.91 11.87 -4.95
CA LEU A 117 -19.06 11.03 -4.55
C LEU A 117 -18.72 9.96 -3.50
N TYR A 118 -17.46 9.92 -3.09
CA TYR A 118 -17.03 8.96 -2.10
C TYR A 118 -17.80 9.13 -0.77
N ASP A 119 -18.16 8.01 -0.18
CA ASP A 119 -18.92 8.02 1.04
C ASP A 119 -18.01 8.24 2.26
N LEU A 120 -18.18 9.40 2.89
CA LEU A 120 -17.47 9.77 4.11
C LEU A 120 -17.34 8.66 5.16
N THR A 121 -18.40 7.87 5.35
CA THR A 121 -18.39 6.72 6.27
C THR A 121 -17.31 5.67 5.88
N ASN A 122 -17.05 5.54 4.57
CA ASN A 122 -16.03 4.63 4.06
C ASN A 122 -14.58 5.03 4.40
N ILE A 123 -14.33 6.27 4.78
CA ILE A 123 -13.04 6.63 5.38
C ILE A 123 -12.72 5.72 6.55
N PHE A 124 -13.73 5.45 7.37
CA PHE A 124 -13.52 4.66 8.58
C PHE A 124 -13.74 3.19 8.35
N GLU A 125 -14.68 2.85 7.46
CA GLU A 125 -15.00 1.45 7.20
C GLU A 125 -14.00 0.80 6.28
N SER A 126 -13.47 1.59 5.34
CA SER A 126 -12.69 1.02 4.22
C SER A 126 -11.31 1.68 4.08
N PHE A 127 -11.25 2.99 3.92
CA PHE A 127 -9.96 3.64 3.65
C PHE A 127 -8.90 3.44 4.76
N LEU A 128 -9.21 3.88 5.98
CA LEU A 128 -8.26 3.76 7.07
C LEU A 128 -7.91 2.29 7.46
N PRO A 129 -8.89 1.37 7.53
CA PRO A 129 -8.49 -0.02 7.80
C PRO A 129 -7.55 -0.61 6.78
N GLN A 130 -7.78 -0.30 5.52
CA GLN A 130 -6.92 -0.81 4.47
C GLN A 130 -5.54 -0.14 4.48
N LEU A 131 -5.48 1.15 4.82
CA LEU A 131 -4.18 1.85 4.88
C LEU A 131 -3.32 1.24 6.01
N LEU A 132 -3.90 1.03 7.18
CA LEU A 132 -3.18 0.48 8.31
C LEU A 132 -2.72 -0.95 8.09
N ALA A 133 -3.56 -1.73 7.40
CA ALA A 133 -3.26 -3.13 7.09
C ALA A 133 -2.16 -3.23 6.02
N TYR A 134 -2.23 -2.36 5.01
CA TYR A 134 -1.32 -2.36 3.86
C TYR A 134 -0.77 -0.95 3.61
N PRO A 135 0.32 -0.55 4.30
CA PRO A 135 0.91 0.76 4.00
C PRO A 135 1.58 0.79 2.64
N ASN A 136 1.85 2.01 2.15
CA ASN A 136 2.74 2.21 1.01
C ASN A 136 4.07 2.76 1.52
N PRO A 137 5.10 1.90 1.67
CA PRO A 137 6.36 2.31 2.31
C PRO A 137 7.31 3.13 1.40
N ILE A 138 6.89 3.36 0.15
CA ILE A 138 7.62 4.20 -0.78
C ILE A 138 7.14 5.68 -0.70
N ASP A 139 8.06 6.62 -0.56
CA ASP A 139 7.69 8.03 -0.35
C ASP A 139 6.93 8.23 0.98
N PRO A 140 7.43 7.65 2.09
CA PRO A 140 6.67 7.64 3.34
C PRO A 140 6.71 8.98 4.06
N LEU A 141 5.76 9.22 4.96
CA LEU A 141 5.81 10.35 5.89
C LEU A 141 6.49 9.97 7.17
N ASN A 142 6.58 8.66 7.43
CA ASN A 142 7.35 8.16 8.57
C ASN A 142 8.40 7.15 8.04
N GLY A 143 9.60 7.66 7.77
CA GLY A 143 10.75 6.91 7.20
C GLY A 143 11.18 5.78 8.11
N ASP A 144 11.20 6.04 9.41
CA ASP A 144 11.44 5.02 10.41
C ASP A 144 10.47 3.84 10.28
N ALA A 145 9.16 4.13 10.24
CA ALA A 145 8.15 3.07 10.13
C ALA A 145 8.31 2.33 8.82
N ALA A 146 8.58 3.06 7.74
CA ALA A 146 8.70 2.43 6.42
C ALA A 146 9.87 1.42 6.37
N ALA A 147 11.03 1.84 6.89
CA ALA A 147 12.23 1.00 6.92
C ALA A 147 12.02 -0.28 7.73
N MET A 148 11.40 -0.15 8.92
CA MET A 148 11.04 -1.27 9.78
C MET A 148 10.05 -2.16 9.12
N TYR A 149 9.02 -1.55 8.52
CA TYR A 149 8.04 -2.33 7.77
C TYR A 149 8.69 -3.28 6.75
N LEU A 150 9.63 -2.72 5.99
CA LEU A 150 10.22 -3.46 4.87
C LEU A 150 11.31 -4.43 5.31
N HIS A 151 12.04 -4.07 6.36
CA HIS A 151 13.23 -4.82 6.74
C HIS A 151 13.20 -5.51 8.09
N ARG A 152 12.42 -4.98 9.01
CA ARG A 152 12.37 -5.54 10.37
C ARG A 152 10.91 -5.66 10.82
N PRO A 153 10.11 -6.45 10.09
CA PRO A 153 8.68 -6.57 10.41
C PRO A 153 8.36 -6.89 11.86
N GLU A 154 9.17 -7.68 12.55
CA GLU A 154 8.94 -7.98 13.98
C GLU A 154 9.16 -6.79 14.90
N GLU A 155 10.19 -6.00 14.63
CA GLU A 155 10.37 -4.71 15.30
C GLU A 155 9.26 -3.72 14.99
N TYR A 156 8.87 -3.66 13.71
CA TYR A 156 7.71 -2.86 13.28
C TYR A 156 6.47 -3.17 14.10
N LYS A 157 6.07 -4.44 14.15
CA LYS A 157 4.92 -4.86 14.95
C LYS A 157 5.07 -4.50 16.44
N GLN A 158 6.24 -4.81 17.01
CA GLN A 158 6.48 -4.52 18.43
C GLN A 158 6.44 -3.01 18.69
N LYS A 159 7.03 -2.23 17.79
CA LYS A 159 6.99 -0.76 17.95
C LYS A 159 5.53 -0.28 18.00
N ILE A 160 4.69 -0.85 17.13
CA ILE A 160 3.27 -0.50 17.10
C ILE A 160 2.57 -0.89 18.40
N LYS A 161 2.82 -2.12 18.86
CA LYS A 161 2.28 -2.59 20.15
C LYS A 161 2.64 -1.68 21.35
N GLU A 162 3.91 -1.23 21.41
CA GLU A 162 4.37 -0.29 22.46
C GLU A 162 3.67 1.08 22.36
N TYR A 163 3.57 1.62 21.14
CA TYR A 163 2.80 2.85 20.91
C TYR A 163 1.34 2.67 21.28
N ILE A 164 0.78 1.49 21.04
CA ILE A 164 -0.61 1.25 21.45
C ILE A 164 -0.73 1.34 22.97
N GLN A 165 0.17 0.67 23.69
CA GLN A 165 0.13 0.70 25.16
C GLN A 165 0.40 2.08 25.75
N LYS A 166 1.30 2.84 25.12
CA LYS A 166 1.60 4.18 25.60
C LYS A 166 0.54 5.24 25.21
N TYR A 167 -0.06 5.11 24.02
CA TYR A 167 -0.84 6.25 23.46
C TYR A 167 -2.27 5.97 23.03
N ALA A 168 -2.58 4.70 22.84
CA ALA A 168 -3.80 4.30 22.12
C ALA A 168 -4.56 3.17 22.78
N THR A 169 -4.71 3.29 24.09
CA THR A 169 -5.65 2.47 24.83
C THR A 169 -6.70 3.44 25.40
N GLU A 170 -7.85 2.89 25.80
CA GLU A 170 -8.87 3.64 26.52
C GLU A 170 -8.20 4.30 27.71
N GLU A 171 -7.43 3.52 28.47
CA GLU A 171 -6.66 4.10 29.59
C GLU A 171 -5.92 5.36 29.19
N ALA A 172 -5.08 5.26 28.16
CA ALA A 172 -4.23 6.36 27.71
C ALA A 172 -5.02 7.61 27.28
N LEU A 173 -6.17 7.37 26.64
CA LEU A 173 -7.05 8.42 26.14
C LEU A 173 -7.76 9.20 27.27
N LYS A 174 -8.10 8.51 28.35
CA LYS A 174 -8.49 9.21 29.59
C LYS A 174 -7.28 9.48 30.51
N PRO B 25 23.64 -17.46 8.62
CA PRO B 25 23.05 -18.60 7.89
C PRO B 25 21.90 -18.14 6.98
N GLY B 26 20.89 -17.50 7.57
CA GLY B 26 19.94 -16.68 6.83
C GLY B 26 20.61 -15.43 6.25
N LYS B 27 21.51 -14.82 7.02
CA LYS B 27 22.26 -13.64 6.51
C LYS B 27 23.29 -14.01 5.46
N ARG B 28 23.90 -15.17 5.64
CA ARG B 28 24.78 -15.75 4.64
C ARG B 28 23.97 -15.99 3.36
N ARG B 29 22.76 -16.53 3.52
CA ARG B 29 21.87 -16.68 2.36
C ARG B 29 21.49 -15.34 1.71
N MET B 30 21.25 -14.32 2.52
CA MET B 30 20.91 -12.99 1.92
C MET B 30 22.03 -12.48 1.06
N ASP B 31 23.21 -12.35 1.66
CA ASP B 31 24.39 -11.87 0.93
C ASP B 31 24.69 -12.65 -0.36
N THR B 32 24.66 -13.98 -0.30
CA THR B 32 25.00 -14.77 -1.47
C THR B 32 23.84 -14.81 -2.48
N ASP B 33 22.59 -14.79 -2.01
CA ASP B 33 21.48 -14.67 -2.97
C ASP B 33 21.58 -13.34 -3.74
N VAL B 34 21.87 -12.27 -3.03
CA VAL B 34 21.96 -10.95 -3.70
C VAL B 34 23.18 -10.93 -4.63
N ILE B 35 24.33 -11.43 -4.19
CA ILE B 35 25.53 -11.42 -5.07
C ILE B 35 25.33 -12.27 -6.32
N LYS B 36 24.67 -13.41 -6.17
CA LYS B 36 24.27 -14.22 -7.31
C LYS B 36 23.37 -13.47 -8.28
N LEU B 37 22.35 -12.77 -7.77
CA LEU B 37 21.52 -11.95 -8.61
C LEU B 37 22.34 -10.86 -9.34
N ILE B 38 23.23 -10.17 -8.60
CA ILE B 38 24.13 -9.18 -9.23
C ILE B 38 24.93 -9.84 -10.39
N GLU B 39 25.56 -10.98 -10.13
CA GLU B 39 26.27 -11.78 -11.16
C GLU B 39 25.41 -12.26 -12.34
N SER B 40 24.10 -12.45 -12.14
CA SER B 40 23.24 -12.98 -13.20
C SER B 40 23.02 -11.93 -14.30
N LYS B 41 22.34 -12.31 -15.38
CA LYS B 41 21.93 -11.38 -16.44
C LYS B 41 21.01 -10.23 -15.98
N HIS B 42 20.38 -10.39 -14.83
CA HIS B 42 19.42 -9.38 -14.35
C HIS B 42 20.17 -8.15 -13.90
N GLU B 43 19.74 -6.98 -14.34
CA GLU B 43 20.39 -5.74 -14.04
C GLU B 43 19.91 -5.19 -12.71
N VAL B 44 20.82 -5.18 -11.74
CA VAL B 44 20.49 -4.85 -10.36
C VAL B 44 21.10 -3.51 -9.96
N THR B 45 20.29 -2.64 -9.38
CA THR B 45 20.79 -1.44 -8.70
C THR B 45 20.55 -1.59 -7.21
N ILE B 46 21.61 -1.54 -6.40
CA ILE B 46 21.49 -1.59 -4.95
C ILE B 46 21.08 -0.21 -4.44
N LEU B 47 20.14 -0.19 -3.50
CA LEU B 47 19.69 1.06 -2.89
C LEU B 47 20.45 1.21 -1.60
N GLY B 48 19.80 1.20 -0.43
CA GLY B 48 20.52 1.41 0.86
C GLY B 48 21.50 0.33 1.34
N GLY B 49 21.41 -0.86 0.75
CA GLY B 49 22.19 -1.99 1.18
C GLY B 49 21.75 -3.22 0.41
N LEU B 50 22.40 -4.35 0.65
CA LEU B 50 22.05 -5.58 -0.05
C LEU B 50 20.59 -6.03 0.15
N ASN B 51 19.95 -5.63 1.24
CA ASN B 51 18.53 -5.90 1.47
C ASN B 51 17.49 -5.03 0.70
N GLU B 52 17.94 -4.10 -0.15
CA GLU B 52 17.01 -3.34 -0.98
C GLU B 52 17.65 -2.92 -2.27
N PHE B 53 16.99 -3.30 -3.36
CA PHE B 53 17.55 -3.11 -4.67
C PHE B 53 16.39 -3.10 -5.68
N VAL B 54 16.73 -2.71 -6.89
CA VAL B 54 15.78 -2.58 -7.98
C VAL B 54 16.38 -3.40 -9.10
N VAL B 55 15.51 -4.15 -9.78
CA VAL B 55 15.92 -4.98 -10.90
C VAL B 55 15.11 -4.60 -12.13
N LYS B 56 15.79 -4.46 -13.28
CA LYS B 56 15.09 -4.17 -14.52
C LYS B 56 14.47 -5.44 -15.04
N PHE B 57 13.18 -5.37 -15.37
CA PHE B 57 12.36 -6.56 -15.59
C PHE B 57 11.58 -6.39 -16.88
N TYR B 58 11.69 -7.37 -17.78
CA TYR B 58 10.97 -7.34 -19.06
C TYR B 58 9.75 -8.20 -19.04
N GLY B 59 8.64 -7.69 -19.56
CA GLY B 59 7.39 -8.44 -19.59
C GLY B 59 7.57 -9.72 -20.39
N PRO B 60 7.03 -10.84 -19.88
CA PRO B 60 7.17 -12.14 -20.55
C PRO B 60 6.52 -12.23 -21.92
N GLN B 61 7.23 -12.88 -22.85
CA GLN B 61 6.70 -13.21 -24.18
C GLN B 61 5.41 -14.02 -24.10
N GLY B 62 4.49 -13.72 -25.00
CA GLY B 62 3.21 -14.44 -25.08
C GLY B 62 2.17 -14.07 -24.04
N THR B 63 2.43 -12.98 -23.29
CA THR B 63 1.48 -12.44 -22.36
C THR B 63 1.09 -11.03 -22.77
N PRO B 64 0.01 -10.49 -22.19
CA PRO B 64 -0.29 -9.08 -22.50
C PRO B 64 0.81 -8.08 -22.11
N TYR B 65 1.77 -8.48 -21.27
CA TYR B 65 2.89 -7.60 -20.82
C TYR B 65 4.10 -7.61 -21.72
N GLU B 66 4.02 -8.41 -22.76
CA GLU B 66 5.14 -8.56 -23.63
C GLU B 66 5.54 -7.18 -24.11
N GLY B 67 6.84 -6.90 -24.04
CA GLY B 67 7.32 -5.62 -24.53
C GLY B 67 7.39 -4.49 -23.51
N GLY B 68 6.75 -4.66 -22.36
CA GLY B 68 6.86 -3.66 -21.29
C GLY B 68 8.19 -3.78 -20.55
N VAL B 69 8.66 -2.68 -19.97
CA VAL B 69 9.86 -2.65 -19.12
C VAL B 69 9.48 -2.03 -17.77
N TRP B 70 9.92 -2.66 -16.68
CA TRP B 70 9.60 -2.22 -15.34
C TRP B 70 10.86 -2.16 -14.47
N LYS B 71 10.83 -1.27 -13.49
CA LYS B 71 11.81 -1.28 -12.43
C LYS B 71 11.11 -1.91 -11.26
N VAL B 72 11.63 -3.06 -10.83
CA VAL B 72 11.01 -3.79 -9.73
C VAL B 72 11.90 -3.71 -8.46
N ARG B 73 11.36 -3.11 -7.40
CA ARG B 73 12.04 -3.02 -6.12
C ARG B 73 11.78 -4.24 -5.25
N VAL B 74 12.85 -4.77 -4.66
CA VAL B 74 12.77 -5.89 -3.76
C VAL B 74 13.33 -5.44 -2.42
N ASP B 75 12.64 -5.75 -1.33
CA ASP B 75 13.17 -5.53 0.00
C ASP B 75 13.23 -6.85 0.75
N LEU B 76 14.34 -7.11 1.43
CA LEU B 76 14.52 -8.37 2.15
C LEU B 76 14.41 -8.12 3.63
N PRO B 77 13.56 -8.92 4.33
CA PRO B 77 13.38 -8.82 5.77
C PRO B 77 14.52 -9.54 6.50
N ASP B 78 14.71 -9.17 7.75
CA ASP B 78 15.86 -9.64 8.49
C ASP B 78 15.87 -11.18 8.57
N LYS B 79 14.71 -11.82 8.65
CA LYS B 79 14.63 -13.28 8.72
C LYS B 79 14.54 -14.03 7.39
N TYR B 80 14.97 -13.36 6.31
CA TYR B 80 15.10 -13.95 4.97
C TYR B 80 16.10 -15.11 5.08
N PRO B 81 15.87 -16.25 4.37
CA PRO B 81 14.75 -16.62 3.48
C PRO B 81 13.58 -17.35 4.11
N PHE B 82 13.47 -17.36 5.43
CA PHE B 82 12.31 -17.96 6.07
C PHE B 82 11.10 -17.05 5.85
N LYS B 83 11.37 -15.75 5.78
CA LYS B 83 10.42 -14.75 5.36
C LYS B 83 10.67 -14.33 3.91
N SER B 84 9.59 -14.19 3.16
CA SER B 84 9.68 -13.82 1.75
C SER B 84 10.14 -12.35 1.56
N PRO B 85 10.69 -12.04 0.40
CA PRO B 85 10.89 -10.62 0.06
C PRO B 85 9.54 -9.93 -0.14
N SER B 86 9.55 -8.60 -0.11
CA SER B 86 8.44 -7.87 -0.59
C SER B 86 8.88 -7.30 -1.93
N ILE B 87 7.92 -7.09 -2.83
CA ILE B 87 8.21 -6.83 -4.23
C ILE B 87 7.25 -5.73 -4.66
N GLY B 88 7.80 -4.68 -5.27
CA GLY B 88 6.98 -3.57 -5.75
C GLY B 88 7.40 -3.13 -7.13
N PHE B 89 6.41 -2.81 -7.97
CA PHE B 89 6.68 -2.25 -9.29
C PHE B 89 6.80 -0.75 -9.19
N MET B 90 7.96 -0.23 -9.56
CA MET B 90 8.22 1.18 -9.32
C MET B 90 7.61 2.11 -10.40
N ASN B 91 7.41 1.57 -11.60
CA ASN B 91 6.61 2.26 -12.64
C ASN B 91 5.30 1.48 -12.84
N LYS B 92 4.25 2.16 -13.30
CA LYS B 92 2.90 1.64 -13.10
C LYS B 92 2.67 0.35 -13.90
N ILE B 93 1.89 -0.55 -13.33
CA ILE B 93 1.48 -1.78 -14.03
C ILE B 93 0.04 -2.04 -13.64
N PHE B 94 -0.69 -2.61 -14.59
CA PHE B 94 -2.11 -2.96 -14.42
C PHE B 94 -2.19 -4.49 -14.33
N HIS B 95 -2.48 -4.98 -13.13
CA HIS B 95 -2.54 -6.44 -12.89
C HIS B 95 -3.41 -6.66 -11.67
N PRO B 96 -4.22 -7.73 -11.65
CA PRO B 96 -5.09 -8.03 -10.51
C PRO B 96 -4.44 -8.15 -9.12
N ASN B 97 -3.21 -8.63 -9.07
CA ASN B 97 -2.57 -8.92 -7.78
C ASN B 97 -1.53 -7.89 -7.42
N ILE B 98 -1.55 -6.78 -8.15
CA ILE B 98 -0.61 -5.69 -7.90
C ILE B 98 -1.37 -4.39 -7.64
N ASP B 99 -1.13 -3.79 -6.49
CA ASP B 99 -1.77 -2.53 -6.14
C ASP B 99 -1.32 -1.44 -7.14
N GLU B 100 -2.26 -0.85 -7.85
CA GLU B 100 -1.86 0.06 -8.94
C GLU B 100 -1.09 1.29 -8.43
N ALA B 101 -1.55 1.90 -7.36
CA ALA B 101 -0.96 3.14 -6.85
C ALA B 101 0.43 2.96 -6.28
N SER B 102 0.65 1.88 -5.54
CA SER B 102 1.95 1.69 -4.87
C SER B 102 2.87 0.73 -5.62
N GLY B 103 2.30 -0.06 -6.53
CA GLY B 103 3.08 -1.06 -7.25
C GLY B 103 3.30 -2.33 -6.43
N THR B 104 2.72 -2.42 -5.24
CA THR B 104 2.99 -3.56 -4.35
C THR B 104 2.40 -4.85 -4.87
N VAL B 105 3.24 -5.90 -5.00
CA VAL B 105 2.77 -7.25 -5.31
C VAL B 105 2.19 -7.91 -4.06
N CYS B 106 0.98 -8.46 -4.19
CA CYS B 106 0.33 -9.16 -3.12
C CYS B 106 1.23 -10.12 -2.31
N LEU B 107 1.42 -9.84 -1.03
CA LEU B 107 2.33 -10.65 -0.22
C LEU B 107 1.82 -12.07 0.02
N ASP B 108 0.50 -12.24 0.13
CA ASP B 108 -0.10 -13.56 0.14
C ASP B 108 0.20 -14.37 -1.13
N VAL B 109 0.08 -13.76 -2.30
CA VAL B 109 0.51 -14.44 -3.55
C VAL B 109 2.01 -14.76 -3.54
N ILE B 110 2.87 -13.81 -3.18
CA ILE B 110 4.29 -14.14 -3.00
C ILE B 110 4.51 -15.35 -2.09
N ASN B 111 3.89 -15.32 -0.90
CA ASN B 111 4.07 -16.39 0.08
C ASN B 111 3.63 -17.75 -0.41
N GLN B 112 2.61 -17.83 -1.27
CA GLN B 112 2.26 -19.13 -1.89
C GLN B 112 3.40 -19.76 -2.71
N THR B 113 4.24 -18.94 -3.35
CA THR B 113 5.35 -19.49 -4.15
C THR B 113 6.68 -19.53 -3.38
N TRP B 114 6.88 -18.58 -2.47
CA TRP B 114 8.13 -18.47 -1.70
C TRP B 114 8.42 -19.74 -0.85
N THR B 115 9.66 -20.22 -0.86
CA THR B 115 10.08 -21.21 0.15
C THR B 115 11.44 -20.76 0.64
N ALA B 116 11.97 -21.44 1.67
CA ALA B 116 13.28 -21.07 2.21
C ALA B 116 14.41 -21.33 1.24
N LEU B 117 14.17 -22.13 0.21
CA LEU B 117 15.18 -22.46 -0.79
C LEU B 117 14.96 -21.72 -2.11
N TYR B 118 13.87 -20.96 -2.21
CA TYR B 118 13.65 -20.11 -3.36
C TYR B 118 14.70 -19.00 -3.33
N ASP B 119 15.18 -18.61 -4.49
CA ASP B 119 16.18 -17.51 -4.52
C ASP B 119 15.67 -16.35 -5.35
N LEU B 120 16.50 -15.34 -5.50
CA LEU B 120 16.11 -14.09 -6.09
C LEU B 120 16.08 -14.14 -7.59
N THR B 121 17.00 -14.88 -8.21
CA THR B 121 17.01 -14.99 -9.65
C THR B 121 15.66 -15.58 -10.14
N ASN B 122 15.13 -16.55 -9.41
CA ASN B 122 13.81 -17.08 -9.72
C ASN B 122 12.60 -16.18 -9.49
N ILE B 123 12.74 -15.16 -8.66
CA ILE B 123 11.67 -14.16 -8.58
C ILE B 123 11.44 -13.58 -9.97
N PHE B 124 12.57 -13.37 -10.69
CA PHE B 124 12.52 -12.68 -11.99
C PHE B 124 12.40 -13.64 -13.15
N GLU B 125 12.90 -14.87 -13.01
CA GLU B 125 12.82 -15.86 -14.07
C GLU B 125 11.56 -16.77 -14.02
N SER B 126 11.01 -16.96 -12.83
CA SER B 126 9.90 -17.87 -12.66
C SER B 126 8.67 -17.17 -12.08
N PHE B 127 8.78 -16.63 -10.87
CA PHE B 127 7.64 -16.08 -10.15
C PHE B 127 6.90 -14.97 -10.90
N LEU B 128 7.59 -13.88 -11.17
CA LEU B 128 6.93 -12.76 -11.81
C LEU B 128 6.41 -13.07 -13.23
N PRO B 129 7.21 -13.71 -14.10
CA PRO B 129 6.58 -14.06 -15.40
C PRO B 129 5.39 -14.99 -15.27
N GLN B 130 5.40 -15.94 -14.32
CA GLN B 130 4.24 -16.84 -14.20
C GLN B 130 3.03 -16.08 -13.69
N LEU B 131 3.26 -15.16 -12.74
CA LEU B 131 2.18 -14.30 -12.23
C LEU B 131 1.58 -13.36 -13.29
N LEU B 132 2.41 -12.78 -14.13
CA LEU B 132 1.95 -11.89 -15.19
C LEU B 132 1.18 -12.64 -16.25
N ALA B 133 1.60 -13.88 -16.54
CA ALA B 133 0.85 -14.83 -17.41
C ALA B 133 -0.45 -15.33 -16.81
N TYR B 134 -0.47 -15.58 -15.50
CA TYR B 134 -1.63 -16.15 -14.83
C TYR B 134 -1.90 -15.43 -13.51
N PRO B 135 -2.73 -14.34 -13.53
CA PRO B 135 -3.15 -13.77 -12.24
C PRO B 135 -3.76 -14.80 -11.29
N ASN B 136 -3.51 -14.54 -10.01
CA ASN B 136 -3.92 -15.39 -8.91
C ASN B 136 -5.32 -14.96 -8.43
N PRO B 137 -6.18 -15.95 -8.15
CA PRO B 137 -7.56 -15.70 -7.74
C PRO B 137 -7.72 -15.23 -6.29
N ILE B 138 -6.64 -15.15 -5.54
CA ILE B 138 -6.63 -14.49 -4.25
C ILE B 138 -7.31 -13.13 -4.41
N ASP B 139 -8.01 -12.62 -3.39
CA ASP B 139 -8.66 -11.31 -3.47
C ASP B 139 -7.71 -10.29 -4.08
N PRO B 140 -8.13 -9.66 -5.17
CA PRO B 140 -7.24 -8.79 -5.95
C PRO B 140 -6.89 -7.48 -5.27
N LEU B 141 -5.69 -6.98 -5.57
CA LEU B 141 -5.31 -5.63 -5.14
C LEU B 141 -5.76 -4.59 -6.15
N ASN B 142 -6.01 -5.06 -7.37
CA ASN B 142 -6.56 -4.23 -8.41
C ASN B 142 -7.86 -4.90 -8.94
N GLY B 143 -8.98 -4.53 -8.31
CA GLY B 143 -10.35 -4.96 -8.66
C GLY B 143 -10.79 -4.70 -10.07
N ASP B 144 -10.44 -3.53 -10.60
CA ASP B 144 -10.70 -3.16 -11.97
C ASP B 144 -9.95 -4.09 -12.93
N ALA B 145 -8.70 -4.42 -12.58
CA ALA B 145 -7.92 -5.33 -13.40
C ALA B 145 -8.49 -6.74 -13.31
N ALA B 146 -8.94 -7.14 -12.11
CA ALA B 146 -9.51 -8.49 -11.92
C ALA B 146 -10.80 -8.67 -12.73
N ALA B 147 -11.70 -7.68 -12.64
CA ALA B 147 -12.97 -7.71 -13.36
C ALA B 147 -12.78 -7.78 -14.86
N MET B 148 -11.87 -6.99 -15.42
CA MET B 148 -11.57 -7.03 -16.84
C MET B 148 -10.92 -8.36 -17.22
N TYR B 149 -9.90 -8.76 -16.46
CA TYR B 149 -9.25 -10.06 -16.75
C TYR B 149 -10.25 -11.19 -16.90
N LEU B 150 -11.20 -11.23 -15.98
CA LEU B 150 -12.19 -12.31 -15.89
C LEU B 150 -13.35 -12.22 -16.90
N HIS B 151 -13.80 -11.02 -17.24
CA HIS B 151 -15.04 -10.87 -18.02
C HIS B 151 -14.86 -10.12 -19.30
N ARG B 152 -13.75 -9.38 -19.40
CA ARG B 152 -13.44 -8.64 -20.62
C ARG B 152 -12.00 -8.77 -21.04
N PRO B 153 -11.60 -10.01 -21.33
CA PRO B 153 -10.17 -10.20 -21.56
C PRO B 153 -9.57 -9.28 -22.61
N GLU B 154 -10.32 -8.97 -23.66
CA GLU B 154 -9.81 -8.05 -24.68
C GLU B 154 -9.57 -6.63 -24.16
N GLU B 155 -10.42 -6.15 -23.26
CA GLU B 155 -10.19 -4.81 -22.70
C GLU B 155 -9.02 -4.85 -21.74
N TYR B 156 -8.87 -5.99 -21.04
CA TYR B 156 -7.74 -6.22 -20.13
C TYR B 156 -6.44 -6.04 -20.94
N LYS B 157 -6.33 -6.71 -22.07
CA LYS B 157 -5.10 -6.62 -22.88
C LYS B 157 -4.86 -5.19 -23.43
N GLN B 158 -5.93 -4.50 -23.80
CA GLN B 158 -5.84 -3.16 -24.39
C GLN B 158 -5.35 -2.17 -23.35
N LYS B 159 -5.89 -2.27 -22.14
CA LYS B 159 -5.53 -1.40 -21.04
C LYS B 159 -4.07 -1.62 -20.62
N ILE B 160 -3.63 -2.87 -20.62
CA ILE B 160 -2.22 -3.16 -20.35
C ILE B 160 -1.33 -2.54 -21.42
N LYS B 161 -1.74 -2.67 -22.68
CA LYS B 161 -1.01 -2.08 -23.80
C LYS B 161 -0.90 -0.56 -23.62
N GLU B 162 -1.98 0.06 -23.20
CA GLU B 162 -1.99 1.51 -22.99
C GLU B 162 -1.08 1.92 -21.83
N TYR B 163 -1.14 1.18 -20.73
CA TYR B 163 -0.23 1.38 -19.61
C TYR B 163 1.21 1.13 -19.94
N ILE B 164 1.51 0.16 -20.80
CA ILE B 164 2.89 -0.06 -21.22
C ILE B 164 3.42 1.17 -21.96
N GLN B 165 2.66 1.65 -22.95
CA GLN B 165 3.06 2.81 -23.74
C GLN B 165 3.22 4.04 -22.88
N LYS B 166 2.33 4.21 -21.92
CA LYS B 166 2.41 5.33 -21.02
C LYS B 166 3.50 5.26 -19.92
N TYR B 167 3.69 4.08 -19.31
CA TYR B 167 4.48 3.99 -18.08
C TYR B 167 5.68 3.06 -18.16
N ALA B 168 5.73 2.22 -19.18
CA ALA B 168 6.63 1.06 -19.18
C ALA B 168 7.30 0.78 -20.53
N THR B 169 7.86 1.83 -21.12
CA THR B 169 8.80 1.70 -22.21
C THR B 169 10.13 2.29 -21.69
N GLU B 170 11.23 2.00 -22.38
CA GLU B 170 12.54 2.61 -22.07
C GLU B 170 12.45 4.13 -22.03
N GLU B 171 11.66 4.69 -22.93
CA GLU B 171 11.45 6.14 -23.05
C GLU B 171 10.70 6.71 -21.85
N ALA B 172 9.63 6.04 -21.43
CA ALA B 172 8.86 6.43 -20.24
C ALA B 172 9.68 6.36 -18.95
N LEU B 173 10.61 5.41 -18.89
CA LEU B 173 11.51 5.26 -17.75
C LEU B 173 12.58 6.35 -17.64
N LYS B 174 13.08 6.83 -18.79
CA LYS B 174 13.99 7.99 -18.87
C LYS B 174 13.35 9.23 -18.26
N GLU B 175 12.13 9.53 -18.73
CA GLU B 175 11.30 10.56 -18.12
C GLU B 175 10.88 10.13 -16.72
NA NA C . 23.44 -8.70 -12.94
#